data_9KTU
#
_entry.id   9KTU
#
loop_
_entity.id
_entity.type
_entity.pdbx_description
1 polymer 'Sodium- and chloride-dependent taurine transporter'
2 non-polymer BETA-ALANINE
3 non-polymer 'CHLORIDE ION'
4 non-polymer 'SODIUM ION'
5 water water
#
_entity_poly.entity_id   1
_entity_poly.type   'polypeptide(L)'
_entity_poly.pdbx_seq_one_letter_code
;MATKEKLQCLKDFHKDILKPSPGKSPGTRPEDEAEGKPPQREKWSSKIDFVLSVAGGFVGLGNVWRFPYLCYKNGGGAFL
IPYFIFLFGSGLPVFFLEIIIGQYTSEGGITCWEKICPLFSGIGYASVVIVSLLNVYYIVILAWATYYLFQSFQKELPWA
HCNHSWNTPHCMEDTMRKNKSVWITISSTNFTSPVIEFWERNVLSLSPGIDHPGSLKWDLALCLLLVWLVCFFCIWKGVR
STGKVVYFTATFPFAMLLVLLVRGLTLPGAGAGIKFYLYPDITRLEDPQVWIDAGTQIFFSYAICLGAMTSLGSYNKYKY
NSYRDCMLLGCLNSGTSFVSGFAIFSILGFMAQEQGVDIADVAESGPGLAFIAYPKAVTMMPLPTFWSILFFIMLLLLGL
DSQFVEVEGQITSLVDLYPSFLRKGYRREIFIAFVCSISYLLGLTMVTEGGMYVFQLFDYYAASGVCLLWVAFFECFVIA
WIYGGDNLYDGIEDMIGYRPGPWMKYSWAVITPVLCVGCFIFSLVKYVPLTYNKTYVYPNWAIGLGWSLALSSMLCVPLV
IVIRLCQTEGPFLVRVKYLLTPREPNRWAVEREGATPYNSRTVMNGALVKPTHIIVETMM
;
_entity_poly.pdbx_strand_id   A
#
# COMPACT_ATOMS: atom_id res chain seq x y z
N GLN A 40 14.69 -26.03 6.76
CA GLN A 40 13.59 -26.24 7.69
C GLN A 40 12.39 -25.38 7.34
N ARG A 41 12.26 -25.08 6.05
CA ARG A 41 11.14 -24.26 5.56
C ARG A 41 9.86 -25.08 5.67
N GLU A 42 9.03 -24.73 6.65
CA GLU A 42 7.78 -25.46 6.89
C GLU A 42 6.76 -25.07 5.84
N LYS A 43 6.32 -26.03 5.04
CA LYS A 43 5.34 -25.76 4.00
C LYS A 43 3.98 -25.46 4.62
N TRP A 44 3.11 -24.84 3.82
CA TRP A 44 1.76 -24.55 4.28
C TRP A 44 1.02 -25.83 4.60
N SER A 45 0.13 -25.77 5.59
CA SER A 45 -0.69 -26.92 5.94
C SER A 45 -1.55 -27.36 4.76
N SER A 46 -2.12 -26.39 4.05
CA SER A 46 -2.92 -26.65 2.87
C SER A 46 -2.82 -25.46 1.93
N LYS A 47 -3.19 -25.70 0.67
CA LYS A 47 -3.20 -24.63 -0.32
C LYS A 47 -4.12 -23.50 0.11
N ILE A 48 -5.24 -23.85 0.74
CA ILE A 48 -6.19 -22.84 1.19
C ILE A 48 -5.56 -21.90 2.20
N ASP A 49 -4.63 -22.40 3.01
CA ASP A 49 -3.93 -21.53 3.95
C ASP A 49 -3.12 -20.46 3.22
N PHE A 50 -2.38 -20.85 2.17
CA PHE A 50 -1.61 -19.89 1.40
C PHE A 50 -2.54 -18.89 0.70
N VAL A 51 -3.64 -19.39 0.13
CA VAL A 51 -4.57 -18.52 -0.58
C VAL A 51 -5.15 -17.48 0.38
N LEU A 52 -5.59 -17.93 1.56
CA LEU A 52 -6.14 -17.01 2.54
C LEU A 52 -5.08 -16.01 3.02
N SER A 53 -3.86 -16.48 3.23
CA SER A 53 -2.80 -15.59 3.70
C SER A 53 -2.54 -14.47 2.71
N VAL A 54 -2.33 -14.82 1.44
CA VAL A 54 -2.04 -13.77 0.45
C VAL A 54 -3.27 -12.89 0.23
N ALA A 55 -4.47 -13.49 0.22
CA ALA A 55 -5.68 -12.71 -0.03
C ALA A 55 -5.91 -11.68 1.06
N GLY A 56 -5.71 -12.07 2.32
CA GLY A 56 -5.78 -11.10 3.40
C GLY A 56 -4.61 -10.15 3.43
N GLY A 57 -3.48 -10.54 2.85
CA GLY A 57 -2.32 -9.66 2.86
C GLY A 57 -2.43 -8.51 1.88
N PHE A 58 -2.76 -8.80 0.62
CA PHE A 58 -2.67 -7.76 -0.40
C PHE A 58 -3.97 -7.01 -0.66
N VAL A 59 -5.06 -7.34 0.02
CA VAL A 59 -6.23 -6.48 0.05
C VAL A 59 -6.27 -5.79 1.41
N GLY A 60 -6.64 -4.52 1.41
CA GLY A 60 -6.64 -3.76 2.65
C GLY A 60 -6.88 -2.30 2.39
N LEU A 61 -6.15 -1.46 3.12
CA LEU A 61 -6.31 -0.02 2.99
C LEU A 61 -5.85 0.49 1.63
N GLY A 62 -5.09 -0.31 0.88
CA GLY A 62 -4.73 0.09 -0.47
C GLY A 62 -5.93 0.17 -1.39
N ASN A 63 -6.82 -0.82 -1.30
CA ASN A 63 -7.99 -0.86 -2.18
C ASN A 63 -9.06 0.13 -1.75
N VAL A 64 -9.28 0.26 -0.44
CA VAL A 64 -10.46 0.96 0.09
C VAL A 64 -10.11 2.39 0.45
N TRP A 65 -8.87 2.64 0.84
CA TRP A 65 -8.45 3.96 1.30
C TRP A 65 -7.51 4.68 0.34
N ARG A 66 -6.50 4.00 -0.20
CA ARG A 66 -5.52 4.68 -1.02
C ARG A 66 -5.95 4.83 -2.48
N PHE A 67 -6.58 3.81 -3.05
CA PHE A 67 -7.00 3.91 -4.45
C PHE A 67 -8.00 5.04 -4.67
N PRO A 68 -9.09 5.17 -3.90
CA PRO A 68 -9.99 6.32 -4.14
C PRO A 68 -9.34 7.66 -3.91
N TYR A 69 -8.46 7.77 -2.92
CA TYR A 69 -7.80 9.05 -2.64
C TYR A 69 -6.85 9.43 -3.77
N LEU A 70 -6.12 8.46 -4.32
CA LEU A 70 -5.25 8.75 -5.45
C LEU A 70 -6.05 9.07 -6.70
N CYS A 71 -7.17 8.36 -6.92
CA CYS A 71 -8.00 8.65 -8.08
C CYS A 71 -8.63 10.03 -7.99
N TYR A 72 -9.04 10.43 -6.79
CA TYR A 72 -9.62 11.76 -6.59
C TYR A 72 -8.57 12.85 -6.70
N LYS A 73 -7.36 12.59 -6.17
CA LYS A 73 -6.29 13.56 -6.25
C LYS A 73 -5.92 13.85 -7.69
N ASN A 74 -5.81 12.81 -8.51
CA ASN A 74 -5.60 12.95 -9.94
C ASN A 74 -6.96 13.14 -10.62
N GLY A 75 -6.99 13.03 -11.94
CA GLY A 75 -8.26 13.13 -12.65
C GLY A 75 -9.20 12.00 -12.26
N GLY A 76 -10.49 12.26 -12.40
CA GLY A 76 -11.48 11.27 -12.01
C GLY A 76 -11.37 9.99 -12.81
N GLY A 77 -11.27 10.11 -14.13
CA GLY A 77 -11.23 8.93 -14.97
C GLY A 77 -9.87 8.70 -15.61
N ALA A 78 -9.05 9.75 -15.69
CA ALA A 78 -7.73 9.62 -16.29
C ALA A 78 -6.80 8.72 -15.49
N PHE A 79 -7.13 8.43 -14.24
CA PHE A 79 -6.32 7.56 -13.40
C PHE A 79 -6.46 6.09 -13.78
N LEU A 80 -7.54 5.73 -14.46
CA LEU A 80 -7.80 4.31 -14.72
C LEU A 80 -6.92 3.76 -15.83
N ILE A 81 -6.66 4.57 -16.87
CA ILE A 81 -5.90 4.06 -18.02
C ILE A 81 -4.48 3.65 -17.63
N PRO A 82 -3.66 4.50 -16.98
CA PRO A 82 -2.37 4.00 -16.49
C PRO A 82 -2.53 2.88 -15.48
N TYR A 83 -3.57 2.92 -14.66
CA TYR A 83 -3.81 1.85 -13.68
C TYR A 83 -3.96 0.51 -14.39
N PHE A 84 -4.81 0.45 -15.41
CA PHE A 84 -5.01 -0.80 -16.14
C PHE A 84 -3.78 -1.19 -16.96
N ILE A 85 -3.08 -0.23 -17.54
CA ILE A 85 -1.87 -0.56 -18.29
C ILE A 85 -0.83 -1.19 -17.39
N PHE A 86 -0.62 -0.62 -16.20
CA PHE A 86 0.31 -1.22 -15.25
C PHE A 86 -0.20 -2.56 -14.72
N LEU A 87 -1.51 -2.69 -14.52
CA LEU A 87 -2.06 -3.94 -14.01
C LEU A 87 -1.82 -5.08 -14.98
N PHE A 88 -2.07 -4.86 -16.26
CA PHE A 88 -1.92 -5.92 -17.26
C PHE A 88 -0.54 -5.98 -17.87
N GLY A 89 0.36 -5.06 -17.53
CA GLY A 89 1.70 -5.09 -18.08
C GLY A 89 2.80 -5.28 -17.07
N SER A 90 2.58 -4.82 -15.85
CA SER A 90 3.63 -4.93 -14.84
C SER A 90 3.15 -5.48 -13.50
N GLY A 91 1.95 -5.14 -13.07
CA GLY A 91 1.48 -5.53 -11.76
C GLY A 91 1.38 -7.03 -11.55
N LEU A 92 0.49 -7.68 -12.29
CA LEU A 92 0.38 -9.14 -12.21
C LEU A 92 1.67 -9.85 -12.57
N PRO A 93 2.41 -9.48 -13.63
CA PRO A 93 3.68 -10.17 -13.89
C PRO A 93 4.67 -10.07 -12.75
N VAL A 94 4.82 -8.90 -12.13
CA VAL A 94 5.78 -8.77 -11.03
C VAL A 94 5.30 -9.53 -9.80
N PHE A 95 3.99 -9.50 -9.53
CA PHE A 95 3.45 -10.24 -8.40
C PHE A 95 3.71 -11.73 -8.56
N PHE A 96 3.40 -12.29 -9.73
CA PHE A 96 3.67 -13.69 -9.98
C PHE A 96 5.16 -13.98 -9.98
N LEU A 97 5.98 -13.04 -10.45
CA LEU A 97 7.43 -13.24 -10.45
C LEU A 97 7.95 -13.37 -9.02
N GLU A 98 7.48 -12.51 -8.11
CA GLU A 98 7.90 -12.60 -6.73
C GLU A 98 7.42 -13.90 -6.09
N ILE A 99 6.16 -14.27 -6.35
CA ILE A 99 5.64 -15.52 -5.79
C ILE A 99 6.46 -16.71 -6.27
N ILE A 100 6.77 -16.75 -7.56
CA ILE A 100 7.49 -17.87 -8.14
C ILE A 100 8.94 -17.89 -7.67
N ILE A 101 9.56 -16.72 -7.48
CA ILE A 101 10.92 -16.68 -6.95
C ILE A 101 10.93 -17.26 -5.54
N GLY A 102 9.95 -16.86 -4.72
CA GLY A 102 9.87 -17.41 -3.37
C GLY A 102 9.66 -18.91 -3.38
N GLN A 103 8.75 -19.40 -4.23
CA GLN A 103 8.46 -20.83 -4.27
C GLN A 103 9.65 -21.63 -4.78
N TYR A 104 10.37 -21.11 -5.79
CA TYR A 104 11.48 -21.83 -6.38
C TYR A 104 12.69 -21.85 -5.45
N THR A 105 13.04 -20.70 -4.88
CA THR A 105 14.21 -20.63 -4.00
C THR A 105 13.91 -21.13 -2.60
N SER A 106 12.65 -21.20 -2.20
CA SER A 106 12.25 -21.58 -0.85
C SER A 106 12.95 -20.72 0.20
N GLU A 107 13.04 -19.42 -0.10
CA GLU A 107 13.76 -18.48 0.74
C GLU A 107 12.99 -17.17 0.81
N GLY A 108 13.31 -16.37 1.81
CA GLY A 108 12.61 -15.13 2.06
C GLY A 108 12.94 -14.06 1.03
N GLY A 109 12.63 -12.82 1.41
CA GLY A 109 12.84 -11.71 0.50
C GLY A 109 14.31 -11.42 0.25
N ILE A 110 15.14 -11.48 1.29
CA ILE A 110 16.54 -11.09 1.14
C ILE A 110 17.35 -12.23 0.56
N THR A 111 17.21 -13.44 1.13
CA THR A 111 18.09 -14.55 0.80
C THR A 111 17.76 -15.20 -0.55
N CYS A 112 16.58 -14.94 -1.10
CA CYS A 112 16.27 -15.50 -2.41
C CYS A 112 17.18 -14.95 -3.49
N TRP A 113 17.49 -13.65 -3.42
CA TRP A 113 18.39 -13.04 -4.39
C TRP A 113 19.80 -13.60 -4.32
N GLU A 114 20.21 -14.12 -3.16
CA GLU A 114 21.51 -14.76 -3.07
C GLU A 114 21.57 -15.99 -3.96
N LYS A 115 20.47 -16.75 -4.02
CA LYS A 115 20.40 -17.89 -4.92
C LYS A 115 20.14 -17.47 -6.36
N ILE A 116 19.44 -16.35 -6.57
CA ILE A 116 19.11 -15.93 -7.93
C ILE A 116 20.31 -15.23 -8.57
N CYS A 117 20.76 -14.13 -7.97
CA CYS A 117 21.89 -13.36 -8.49
C CYS A 117 22.61 -12.72 -7.31
N PRO A 118 23.75 -13.27 -6.90
CA PRO A 118 24.43 -12.73 -5.71
C PRO A 118 24.82 -11.28 -5.81
N LEU A 119 25.19 -10.79 -7.00
CA LEU A 119 25.60 -9.40 -7.15
C LEU A 119 24.45 -8.46 -6.81
N PHE A 120 23.26 -8.73 -7.35
CA PHE A 120 22.09 -7.92 -7.07
C PHE A 120 21.29 -8.46 -5.89
N SER A 121 21.97 -8.74 -4.78
CA SER A 121 21.28 -9.13 -3.56
C SER A 121 20.66 -7.94 -2.87
N GLY A 122 21.24 -6.76 -3.06
CA GLY A 122 20.77 -5.58 -2.35
C GLY A 122 19.31 -5.26 -2.61
N ILE A 123 18.78 -5.68 -3.75
CA ILE A 123 17.36 -5.51 -4.03
C ILE A 123 16.54 -6.01 -2.85
N GLY A 124 16.85 -7.21 -2.38
CA GLY A 124 16.14 -7.75 -1.24
C GLY A 124 16.24 -6.83 -0.04
N TYR A 125 17.46 -6.37 0.27
CA TYR A 125 17.64 -5.41 1.35
C TYR A 125 16.76 -4.19 1.10
N ALA A 126 16.80 -3.65 -0.12
CA ALA A 126 15.97 -2.51 -0.45
C ALA A 126 14.50 -2.82 -0.13
N SER A 127 14.03 -3.99 -0.55
CA SER A 127 12.66 -4.38 -0.29
C SER A 127 12.35 -4.27 1.20
N VAL A 128 13.24 -4.84 2.03
CA VAL A 128 13.01 -4.80 3.47
C VAL A 128 12.88 -3.35 3.94
N VAL A 129 13.81 -2.49 3.50
CA VAL A 129 13.73 -1.09 3.91
C VAL A 129 12.35 -0.53 3.56
N ILE A 130 11.90 -0.79 2.33
CA ILE A 130 10.61 -0.28 1.91
C ILE A 130 9.53 -0.75 2.88
N VAL A 131 9.48 -2.06 3.14
CA VAL A 131 8.39 -2.56 3.98
C VAL A 131 8.50 -1.98 5.37
N SER A 132 9.74 -1.79 5.86
CA SER A 132 9.92 -1.19 7.17
C SER A 132 9.25 0.17 7.21
N LEU A 133 9.52 1.01 6.21
CA LEU A 133 8.91 2.32 6.16
C LEU A 133 7.40 2.20 6.13
N LEU A 134 6.89 1.25 5.35
CA LEU A 134 5.44 1.07 5.29
C LEU A 134 4.89 0.75 6.66
N ASN A 135 5.54 -0.16 7.38
CA ASN A 135 5.06 -0.54 8.70
C ASN A 135 5.05 0.63 9.66
N VAL A 136 5.81 1.69 9.36
CA VAL A 136 5.80 2.86 10.22
C VAL A 136 4.49 3.63 10.07
N TYR A 137 4.00 3.79 8.84
CA TYR A 137 2.90 4.72 8.62
C TYR A 137 1.58 4.05 8.25
N TYR A 138 1.62 2.88 7.62
CA TYR A 138 0.38 2.20 7.24
C TYR A 138 -0.52 2.00 8.45
N ILE A 139 0.04 1.45 9.54
CA ILE A 139 -0.73 1.20 10.75
C ILE A 139 -1.28 2.50 11.33
N VAL A 140 -0.64 3.64 11.04
CA VAL A 140 -1.14 4.92 11.52
C VAL A 140 -2.58 5.13 11.06
N ILE A 141 -2.88 4.73 9.82
CA ILE A 141 -4.24 4.85 9.32
C ILE A 141 -5.21 4.14 10.26
N LEU A 142 -4.86 2.92 10.66
CA LEU A 142 -5.72 2.16 11.56
C LEU A 142 -6.01 2.95 12.82
N ALA A 143 -5.00 3.65 13.35
CA ALA A 143 -5.21 4.48 14.53
C ALA A 143 -6.39 5.42 14.32
N TRP A 144 -6.39 6.15 13.20
CA TRP A 144 -7.51 7.02 12.88
C TRP A 144 -8.82 6.24 12.91
N ALA A 145 -8.84 5.10 12.21
CA ALA A 145 -10.05 4.28 12.20
C ALA A 145 -10.42 3.88 13.61
N THR A 146 -9.44 3.48 14.42
CA THR A 146 -9.72 3.11 15.80
C THR A 146 -10.35 4.28 16.53
N TYR A 147 -9.81 5.48 16.35
CA TYR A 147 -10.42 6.67 16.95
C TYR A 147 -11.86 6.80 16.50
N TYR A 148 -12.10 6.67 15.20
CA TYR A 148 -13.47 6.72 14.69
C TYR A 148 -14.32 5.62 15.31
N LEU A 149 -13.74 4.43 15.48
CA LEU A 149 -14.49 3.33 16.08
C LEU A 149 -14.90 3.67 17.50
N PHE A 150 -14.10 4.49 18.19
CA PHE A 150 -14.47 4.90 19.54
C PHE A 150 -15.41 6.10 19.54
N GLN A 151 -15.52 6.80 18.41
CA GLN A 151 -16.41 7.95 18.33
C GLN A 151 -17.80 7.58 17.84
N SER A 152 -18.02 6.32 17.45
CA SER A 152 -19.30 5.88 16.93
C SER A 152 -20.14 5.14 17.96
N PHE A 153 -19.72 5.14 19.23
CA PHE A 153 -20.49 4.53 20.30
C PHE A 153 -21.38 5.53 21.02
N GLN A 154 -21.53 6.74 20.49
CA GLN A 154 -22.35 7.77 21.07
C GLN A 154 -23.78 7.66 20.55
N LYS A 155 -24.69 8.39 21.19
CA LYS A 155 -26.08 8.40 20.74
C LYS A 155 -26.19 8.97 19.34
N GLU A 156 -25.45 10.04 19.05
CA GLU A 156 -25.41 10.64 17.72
C GLU A 156 -23.97 10.71 17.24
N LEU A 157 -23.78 10.53 15.94
CA LEU A 157 -22.46 10.57 15.37
C LEU A 157 -21.89 11.98 15.44
N PRO A 158 -20.62 12.15 15.84
CA PRO A 158 -20.07 13.51 15.98
C PRO A 158 -20.05 14.29 14.68
N TRP A 159 -19.85 13.61 13.55
CA TRP A 159 -19.75 14.28 12.25
C TRP A 159 -21.09 14.46 11.57
N ALA A 160 -22.19 14.02 12.20
CA ALA A 160 -23.50 14.15 11.58
C ALA A 160 -23.96 15.60 11.54
N HIS A 161 -23.83 16.32 12.66
CA HIS A 161 -24.34 17.67 12.78
C HIS A 161 -23.23 18.61 13.25
N CYS A 162 -23.43 19.89 12.99
CA CYS A 162 -22.49 20.92 13.38
C CYS A 162 -22.82 21.42 14.79
N ASN A 163 -22.24 22.56 15.16
CA ASN A 163 -22.48 23.22 16.46
C ASN A 163 -21.90 22.40 17.61
N HIS A 164 -20.69 21.90 17.44
CA HIS A 164 -19.94 21.24 18.50
C HIS A 164 -18.85 22.17 19.02
N SER A 165 -18.03 21.65 19.93
CA SER A 165 -16.95 22.45 20.49
C SER A 165 -15.82 22.65 19.49
N TRP A 166 -15.66 21.71 18.54
CA TRP A 166 -14.59 21.76 17.56
C TRP A 166 -15.05 22.30 16.22
N ASN A 167 -16.24 22.87 16.15
CA ASN A 167 -16.82 23.35 14.89
C ASN A 167 -16.66 24.86 14.79
N THR A 168 -16.05 25.31 13.69
CA THR A 168 -15.89 26.73 13.43
C THR A 168 -17.24 27.33 13.03
N PRO A 169 -17.38 28.66 13.15
CA PRO A 169 -18.64 29.29 12.71
C PRO A 169 -18.94 29.09 11.24
N HIS A 170 -17.92 28.81 10.42
CA HIS A 170 -18.17 28.54 9.01
C HIS A 170 -18.89 27.21 8.82
N CYS A 171 -18.70 26.26 9.73
CA CYS A 171 -19.29 24.94 9.60
C CYS A 171 -20.80 25.02 9.55
N MET A 172 -21.38 24.52 8.47
CA MET A 172 -22.82 24.58 8.24
C MET A 172 -23.31 23.21 7.79
N GLU A 173 -24.55 22.89 8.17
CA GLU A 173 -25.13 21.61 7.80
C GLU A 173 -25.25 21.48 6.29
N ASP A 174 -24.91 20.30 5.78
CA ASP A 174 -24.84 20.09 4.34
C ASP A 174 -26.22 20.24 3.69
N THR A 175 -27.28 19.84 4.39
CA THR A 175 -28.62 19.98 3.83
C THR A 175 -28.98 21.45 3.65
N MET A 176 -28.48 22.32 4.52
CA MET A 176 -28.76 23.74 4.45
C MET A 176 -27.73 24.51 3.65
N ARG A 177 -26.90 23.84 2.85
CA ARG A 177 -25.82 24.49 2.14
C ARG A 177 -26.28 25.04 0.80
N LYS A 178 -27.58 25.28 0.68
CA LYS A 178 -28.17 25.86 -0.53
C LYS A 178 -27.45 27.14 -0.95
N ASN A 190 -15.56 29.66 2.31
CA ASN A 190 -16.82 29.91 2.99
C ASN A 190 -17.15 28.79 3.98
N PHE A 191 -18.35 28.24 3.85
CA PHE A 191 -18.81 27.20 4.75
C PHE A 191 -17.99 25.93 4.57
N THR A 192 -17.90 25.14 5.65
CA THR A 192 -17.20 23.86 5.64
C THR A 192 -18.16 22.78 6.10
N SER A 193 -18.08 21.62 5.47
CA SER A 193 -18.92 20.50 5.86
C SER A 193 -18.55 20.03 7.26
N PRO A 194 -19.54 19.70 8.09
CA PRO A 194 -19.23 19.23 9.45
C PRO A 194 -18.39 17.96 9.48
N VAL A 195 -18.53 17.08 8.50
CA VAL A 195 -17.69 15.89 8.45
C VAL A 195 -16.23 16.26 8.24
N ILE A 196 -15.98 17.20 7.32
CA ILE A 196 -14.60 17.66 7.10
C ILE A 196 -14.08 18.39 8.32
N GLU A 197 -14.93 19.16 8.98
CA GLU A 197 -14.53 19.84 10.22
C GLU A 197 -14.13 18.83 11.29
N PHE A 198 -14.92 17.77 11.44
CA PHE A 198 -14.57 16.73 12.41
C PHE A 198 -13.27 16.04 12.04
N TRP A 199 -13.07 15.75 10.75
CA TRP A 199 -11.86 15.07 10.33
C TRP A 199 -10.62 15.93 10.54
N GLU A 200 -10.72 17.23 10.29
CA GLU A 200 -9.54 18.10 10.33
C GLU A 200 -9.26 18.66 11.71
N ARG A 201 -10.29 19.09 12.45
CA ARG A 201 -10.10 19.79 13.71
C ARG A 201 -10.30 18.93 14.95
N ASN A 202 -10.96 17.78 14.84
CA ASN A 202 -11.16 16.90 15.98
C ASN A 202 -10.28 15.67 15.91
N VAL A 203 -10.34 14.91 14.82
CA VAL A 203 -9.47 13.74 14.68
C VAL A 203 -8.01 14.17 14.53
N LEU A 204 -7.76 15.15 13.68
CA LEU A 204 -6.41 15.58 13.38
C LEU A 204 -5.97 16.79 14.21
N SER A 205 -6.84 17.79 14.35
CA SER A 205 -6.47 19.09 14.89
C SER A 205 -5.27 19.64 14.12
N LEU A 206 -5.50 19.83 12.82
CA LEU A 206 -4.41 20.04 11.88
C LEU A 206 -3.67 21.35 12.15
N SER A 207 -2.35 21.32 12.02
CA SER A 207 -1.47 22.45 12.21
C SER A 207 -1.32 23.24 10.93
N PRO A 208 -0.83 24.48 11.01
CA PRO A 208 -0.61 25.26 9.79
C PRO A 208 0.35 24.60 8.81
N GLY A 209 1.32 23.84 9.29
CA GLY A 209 2.26 23.19 8.40
C GLY A 209 3.09 22.15 9.11
N ILE A 210 3.93 21.47 8.32
CA ILE A 210 4.79 20.43 8.88
C ILE A 210 5.83 21.05 9.81
N ASP A 211 6.19 22.32 9.60
CA ASP A 211 7.16 22.98 10.45
C ASP A 211 6.60 23.29 11.84
N HIS A 212 5.29 23.16 12.04
CA HIS A 212 4.67 23.33 13.35
C HIS A 212 4.12 21.98 13.80
N PRO A 213 4.92 21.16 14.48
CA PRO A 213 4.44 19.84 14.92
C PRO A 213 3.44 19.89 16.04
N GLY A 214 3.29 21.03 16.72
CA GLY A 214 2.32 21.12 17.79
C GLY A 214 2.70 20.23 18.96
N SER A 215 1.77 19.37 19.37
CA SER A 215 1.98 18.46 20.49
C SER A 215 1.39 17.10 20.15
N LEU A 216 1.88 16.07 20.83
CA LEU A 216 1.32 14.73 20.67
C LEU A 216 -0.12 14.73 21.16
N LYS A 217 -1.00 14.10 20.37
CA LYS A 217 -2.42 14.20 20.64
C LYS A 217 -2.83 13.53 21.94
N TRP A 218 -2.12 12.47 22.33
CA TRP A 218 -2.37 11.65 23.52
C TRP A 218 -3.64 10.83 23.42
N ASP A 219 -4.43 10.99 22.36
CA ASP A 219 -5.59 10.14 22.13
C ASP A 219 -5.50 9.34 20.84
N LEU A 220 -4.93 9.94 19.78
CA LEU A 220 -4.55 9.12 18.63
C LEU A 220 -3.34 8.26 18.96
N ALA A 221 -2.45 8.74 19.83
CA ALA A 221 -1.31 7.93 20.25
C ALA A 221 -1.77 6.69 21.01
N LEU A 222 -2.80 6.83 21.85
CA LEU A 222 -3.33 5.67 22.55
C LEU A 222 -3.93 4.66 21.59
N CYS A 223 -4.66 5.13 20.57
CA CYS A 223 -5.21 4.22 19.58
C CYS A 223 -4.13 3.52 18.79
N LEU A 224 -3.07 4.25 18.42
CA LEU A 224 -1.94 3.63 17.74
C LEU A 224 -1.26 2.58 18.61
N LEU A 225 -1.11 2.88 19.91
CA LEU A 225 -0.53 1.89 20.82
C LEU A 225 -1.42 0.65 20.91
N LEU A 226 -2.74 0.84 20.95
CA LEU A 226 -3.64 -0.30 21.01
C LEU A 226 -3.52 -1.15 19.76
N VAL A 227 -3.49 -0.53 18.59
CA VAL A 227 -3.39 -1.29 17.35
C VAL A 227 -2.04 -2.01 17.28
N TRP A 228 -0.96 -1.36 17.72
CA TRP A 228 0.33 -2.03 17.72
C TRP A 228 0.39 -3.18 18.72
N LEU A 229 -0.28 -3.04 19.86
CA LEU A 229 -0.37 -4.15 20.80
C LEU A 229 -1.11 -5.32 20.17
N VAL A 230 -2.22 -5.03 19.47
CA VAL A 230 -2.95 -6.09 18.78
C VAL A 230 -2.05 -6.78 17.76
N CYS A 231 -1.30 -6.00 16.98
CA CYS A 231 -0.42 -6.58 15.97
C CYS A 231 0.67 -7.44 16.61
N PHE A 232 1.28 -6.95 17.68
CA PHE A 232 2.34 -7.72 18.33
C PHE A 232 1.81 -9.02 18.92
N PHE A 233 0.66 -8.96 19.58
CA PHE A 233 0.15 -10.18 20.21
C PHE A 233 -0.42 -11.14 19.18
N CYS A 234 -0.81 -10.66 18.00
CA CYS A 234 -1.19 -11.58 16.93
C CYS A 234 0.04 -12.23 16.31
N ILE A 235 1.09 -11.45 16.05
CA ILE A 235 2.32 -12.01 15.49
C ILE A 235 2.96 -12.97 16.49
N TRP A 236 3.00 -12.59 17.76
CA TRP A 236 3.57 -13.44 18.80
C TRP A 236 2.70 -14.68 19.02
N VAL A 245 -11.85 -15.65 13.42
CA VAL A 245 -11.61 -16.63 12.38
C VAL A 245 -11.16 -15.94 11.09
N VAL A 246 -10.22 -16.55 10.38
CA VAL A 246 -9.76 -15.99 9.11
C VAL A 246 -10.89 -16.01 8.09
N TYR A 247 -11.74 -17.03 8.14
CA TYR A 247 -12.88 -17.09 7.22
C TYR A 247 -13.81 -15.89 7.41
N PHE A 248 -14.16 -15.59 8.67
CA PHE A 248 -14.98 -14.41 8.93
C PHE A 248 -14.24 -13.13 8.58
N THR A 249 -12.98 -13.03 8.99
CA THR A 249 -12.18 -11.83 8.74
C THR A 249 -11.99 -11.57 7.25
N ALA A 250 -12.16 -12.58 6.40
CA ALA A 250 -12.08 -12.39 4.95
C ALA A 250 -13.44 -12.24 4.29
N THR A 251 -14.50 -12.81 4.86
CA THR A 251 -15.81 -12.72 4.21
C THR A 251 -16.57 -11.47 4.61
N PHE A 252 -16.46 -11.03 5.87
CA PHE A 252 -17.20 -9.86 6.31
C PHE A 252 -16.85 -8.58 5.56
N PRO A 253 -15.57 -8.26 5.30
CA PRO A 253 -15.28 -7.00 4.57
C PRO A 253 -15.96 -6.93 3.21
N PHE A 254 -16.05 -8.04 2.48
CA PHE A 254 -16.71 -8.01 1.19
C PHE A 254 -18.21 -7.74 1.32
N ALA A 255 -18.85 -8.32 2.33
CA ALA A 255 -20.27 -8.02 2.55
C ALA A 255 -20.49 -6.57 2.92
N MET A 256 -19.63 -6.01 3.78
CA MET A 256 -19.77 -4.60 4.15
C MET A 256 -19.51 -3.70 2.95
N LEU A 257 -18.52 -4.03 2.12
CA LEU A 257 -18.29 -3.29 0.90
C LEU A 257 -19.46 -3.37 -0.06
N LEU A 258 -20.11 -4.52 -0.16
CA LEU A 258 -21.31 -4.63 -0.99
C LEU A 258 -22.44 -3.75 -0.47
N VAL A 259 -22.62 -3.71 0.86
CA VAL A 259 -23.64 -2.84 1.44
C VAL A 259 -23.32 -1.39 1.14
N LEU A 260 -22.06 -0.99 1.28
CA LEU A 260 -21.67 0.39 0.97
C LEU A 260 -21.88 0.69 -0.51
N LEU A 261 -21.59 -0.27 -1.38
CA LEU A 261 -21.80 -0.07 -2.81
C LEU A 261 -23.27 0.13 -3.14
N VAL A 262 -24.14 -0.67 -2.52
CA VAL A 262 -25.57 -0.51 -2.74
C VAL A 262 -26.04 0.86 -2.25
N ARG A 263 -25.59 1.27 -1.06
CA ARG A 263 -25.98 2.57 -0.53
C ARG A 263 -25.50 3.70 -1.43
N GLY A 264 -24.27 3.62 -1.92
CA GLY A 264 -23.76 4.66 -2.80
C GLY A 264 -24.50 4.71 -4.12
N LEU A 265 -24.79 3.54 -4.70
CA LEU A 265 -25.49 3.50 -5.97
C LEU A 265 -26.91 4.05 -5.86
N THR A 266 -27.61 3.75 -4.77
CA THR A 266 -28.99 4.21 -4.66
C THR A 266 -29.10 5.67 -4.25
N LEU A 267 -28.00 6.32 -3.88
CA LEU A 267 -28.05 7.71 -3.46
C LEU A 267 -28.38 8.61 -4.66
N PRO A 268 -29.19 9.64 -4.46
CA PRO A 268 -29.45 10.59 -5.55
C PRO A 268 -28.20 11.37 -5.90
N GLY A 269 -28.09 11.73 -7.17
CA GLY A 269 -26.94 12.46 -7.65
C GLY A 269 -25.68 11.64 -7.81
N ALA A 270 -25.77 10.31 -7.71
CA ALA A 270 -24.60 9.47 -7.86
C ALA A 270 -24.19 9.28 -9.31
N GLY A 271 -25.09 9.57 -10.26
CA GLY A 271 -24.74 9.44 -11.66
C GLY A 271 -23.61 10.37 -12.06
N ALA A 272 -23.63 11.60 -11.56
CA ALA A 272 -22.54 12.53 -11.82
C ALA A 272 -21.23 12.03 -11.25
N GLY A 273 -21.26 11.47 -10.04
CA GLY A 273 -20.03 10.93 -9.47
C GLY A 273 -19.49 9.75 -10.25
N ILE A 274 -20.39 8.88 -10.72
CA ILE A 274 -19.95 7.73 -11.52
C ILE A 274 -19.37 8.20 -12.85
N LYS A 275 -19.98 9.20 -13.49
CA LYS A 275 -19.42 9.73 -14.72
C LYS A 275 -18.08 10.39 -14.49
N PHE A 276 -17.93 11.08 -13.35
CA PHE A 276 -16.63 11.65 -12.99
C PHE A 276 -15.58 10.57 -12.79
N TYR A 277 -15.96 9.45 -12.18
CA TYR A 277 -15.04 8.37 -11.89
C TYR A 277 -14.66 7.55 -13.13
N LEU A 278 -15.57 7.42 -14.10
CA LEU A 278 -15.37 6.52 -15.22
C LEU A 278 -14.96 7.21 -16.50
N TYR A 279 -15.31 8.48 -16.69
CA TYR A 279 -15.01 9.15 -17.96
C TYR A 279 -13.65 9.83 -17.86
N PRO A 280 -12.66 9.41 -18.63
CA PRO A 280 -11.31 9.96 -18.47
C PRO A 280 -11.16 11.32 -19.13
N ASP A 281 -10.15 12.05 -18.67
CA ASP A 281 -9.71 13.30 -19.29
C ASP A 281 -8.37 13.01 -19.96
N ILE A 282 -8.34 13.09 -21.29
CA ILE A 282 -7.14 12.72 -22.03
C ILE A 282 -5.98 13.64 -21.69
N THR A 283 -6.23 14.95 -21.61
CA THR A 283 -5.16 15.90 -21.39
C THR A 283 -4.44 15.66 -20.06
N ARG A 284 -5.15 15.11 -19.07
CA ARG A 284 -4.51 14.82 -17.79
C ARG A 284 -3.38 13.81 -17.95
N LEU A 285 -3.48 12.92 -18.95
CA LEU A 285 -2.41 11.96 -19.20
C LEU A 285 -1.13 12.63 -19.71
N GLU A 286 -1.21 13.88 -20.16
CA GLU A 286 -0.02 14.62 -20.55
C GLU A 286 0.85 14.97 -19.37
N ASP A 287 0.33 14.90 -18.15
CA ASP A 287 1.06 15.17 -16.92
C ASP A 287 1.58 13.87 -16.32
N PRO A 288 2.89 13.75 -16.09
CA PRO A 288 3.44 12.46 -15.62
C PRO A 288 2.98 12.06 -14.23
N GLN A 289 2.42 13.00 -13.46
CA GLN A 289 2.05 12.70 -12.07
C GLN A 289 1.00 11.61 -12.01
N VAL A 290 -0.01 11.66 -12.88
CA VAL A 290 -1.03 10.61 -12.88
C VAL A 290 -0.44 9.26 -13.27
N TRP A 291 0.45 9.24 -14.26
CA TRP A 291 1.08 7.98 -14.66
C TRP A 291 1.86 7.35 -13.51
N ILE A 292 2.69 8.15 -12.84
CA ILE A 292 3.51 7.59 -11.76
C ILE A 292 2.63 7.20 -10.57
N ASP A 293 1.59 7.99 -10.28
CA ASP A 293 0.69 7.66 -9.18
C ASP A 293 -0.04 6.35 -9.44
N ALA A 294 -0.54 6.15 -10.66
CA ALA A 294 -1.22 4.91 -10.98
C ALA A 294 -0.27 3.72 -10.97
N GLY A 295 0.94 3.89 -11.50
CA GLY A 295 1.89 2.80 -11.50
C GLY A 295 2.28 2.38 -10.09
N THR A 296 2.58 3.36 -9.23
CA THR A 296 2.93 3.04 -7.86
C THR A 296 1.74 2.55 -7.05
N GLN A 297 0.51 2.96 -7.40
CA GLN A 297 -0.66 2.38 -6.76
C GLN A 297 -0.81 0.91 -7.14
N ILE A 298 -0.52 0.57 -8.40
CA ILE A 298 -0.53 -0.83 -8.79
C ILE A 298 0.54 -1.61 -8.02
N PHE A 299 1.74 -1.05 -7.92
CA PHE A 299 2.83 -1.74 -7.23
C PHE A 299 2.64 -1.79 -5.72
N PHE A 300 1.83 -0.89 -5.14
CA PHE A 300 1.56 -0.86 -3.71
C PHE A 300 0.38 -1.74 -3.32
N SER A 301 -0.68 -1.73 -4.15
CA SER A 301 -1.86 -2.51 -3.86
C SER A 301 -1.60 -4.02 -3.94
N TYR A 302 -0.57 -4.42 -4.67
CA TYR A 302 -0.20 -5.83 -4.75
C TYR A 302 0.90 -6.22 -3.78
N ALA A 303 1.38 -5.28 -2.96
CA ALA A 303 2.39 -5.55 -1.94
C ALA A 303 3.65 -6.17 -2.55
N ILE A 304 3.99 -5.71 -3.74
CA ILE A 304 5.19 -6.16 -4.43
C ILE A 304 6.29 -5.13 -4.21
N CYS A 305 7.53 -5.55 -4.47
CA CYS A 305 8.76 -4.80 -4.18
C CYS A 305 8.97 -4.65 -2.69
N LEU A 306 8.27 -5.44 -1.86
CA LEU A 306 8.40 -5.40 -0.42
C LEU A 306 9.08 -6.62 0.16
N GLY A 307 9.10 -7.74 -0.56
CA GLY A 307 9.59 -8.99 -0.03
C GLY A 307 8.57 -9.79 0.74
N ALA A 308 7.36 -9.27 0.93
CA ALA A 308 6.32 -10.01 1.62
C ALA A 308 5.75 -11.12 0.74
N MET A 309 5.59 -10.85 -0.56
CA MET A 309 5.07 -11.86 -1.47
C MET A 309 6.07 -13.00 -1.64
N THR A 310 7.36 -12.69 -1.75
CA THR A 310 8.37 -13.74 -1.84
C THR A 310 8.39 -14.58 -0.58
N SER A 311 8.29 -13.95 0.58
CA SER A 311 8.26 -14.70 1.84
C SER A 311 7.03 -15.59 1.91
N LEU A 312 5.87 -15.07 1.51
CA LEU A 312 4.64 -15.85 1.54
C LEU A 312 4.71 -17.04 0.59
N GLY A 313 5.28 -16.83 -0.61
CA GLY A 313 5.43 -17.92 -1.55
C GLY A 313 6.51 -18.92 -1.22
N SER A 314 7.48 -18.54 -0.39
CA SER A 314 8.54 -19.46 -0.03
C SER A 314 8.02 -20.65 0.75
N TYR A 315 6.86 -20.52 1.38
CA TYR A 315 6.26 -21.62 2.12
C TYR A 315 5.47 -22.57 1.23
N ASN A 316 5.30 -22.25 -0.04
CA ASN A 316 4.53 -23.12 -0.93
C ASN A 316 5.31 -24.39 -1.25
N LYS A 317 4.58 -25.44 -1.58
CA LYS A 317 5.21 -26.67 -2.07
C LYS A 317 5.86 -26.41 -3.42
N TYR A 318 6.90 -27.19 -3.72
CA TYR A 318 7.59 -27.03 -4.99
C TYR A 318 6.67 -27.35 -6.17
N LYS A 319 5.89 -28.43 -6.05
CA LYS A 319 4.92 -28.79 -7.08
C LYS A 319 3.58 -28.17 -6.69
N TYR A 320 3.42 -26.88 -6.99
CA TYR A 320 2.20 -26.16 -6.65
C TYR A 320 1.91 -25.16 -7.76
N ASN A 321 0.69 -25.19 -8.29
CA ASN A 321 0.31 -24.39 -9.44
C ASN A 321 -0.01 -22.97 -8.96
N SER A 322 1.06 -22.21 -8.69
CA SER A 322 0.90 -20.84 -8.22
C SER A 322 0.33 -19.92 -9.29
N TYR A 323 0.43 -20.29 -10.57
CA TYR A 323 0.01 -19.40 -11.65
C TYR A 323 -1.49 -19.13 -11.57
N ARG A 324 -2.30 -20.19 -11.51
CA ARG A 324 -3.76 -20.02 -11.51
C ARG A 324 -4.23 -19.26 -10.29
N ASP A 325 -3.73 -19.65 -9.10
CA ASP A 325 -4.13 -18.97 -7.88
C ASP A 325 -3.71 -17.51 -7.89
N CYS A 326 -2.49 -17.22 -8.34
CA CYS A 326 -2.01 -15.85 -8.39
C CYS A 326 -2.87 -15.01 -9.32
N MET A 327 -3.22 -15.54 -10.49
CA MET A 327 -4.05 -14.79 -11.43
C MET A 327 -5.44 -14.54 -10.85
N LEU A 328 -6.03 -15.57 -10.22
CA LEU A 328 -7.35 -15.39 -9.62
C LEU A 328 -7.32 -14.34 -8.51
N LEU A 329 -6.29 -14.38 -7.67
CA LEU A 329 -6.19 -13.42 -6.58
C LEU A 329 -5.94 -12.00 -7.08
N GLY A 330 -5.12 -11.85 -8.12
CA GLY A 330 -4.95 -10.54 -8.71
C GLY A 330 -6.23 -9.99 -9.29
N CYS A 331 -7.02 -10.85 -9.95
CA CYS A 331 -8.33 -10.43 -10.43
C CYS A 331 -9.22 -10.01 -9.27
N LEU A 332 -9.20 -10.76 -8.17
CA LEU A 332 -10.00 -10.40 -7.00
C LEU A 332 -9.61 -9.05 -6.44
N ASN A 333 -8.31 -8.80 -6.31
CA ASN A 333 -7.84 -7.53 -5.75
C ASN A 333 -8.21 -6.36 -6.65
N SER A 334 -7.96 -6.49 -7.96
CA SER A 334 -8.31 -5.43 -8.88
C SER A 334 -9.81 -5.17 -8.92
N GLY A 335 -10.62 -6.24 -8.88
CA GLY A 335 -12.05 -6.05 -8.85
C GLY A 335 -12.53 -5.39 -7.57
N THR A 336 -11.91 -5.73 -6.44
CA THR A 336 -12.27 -5.08 -5.18
C THR A 336 -11.98 -3.58 -5.25
N SER A 337 -10.80 -3.21 -5.76
CA SER A 337 -10.47 -1.79 -5.88
C SER A 337 -11.44 -1.09 -6.83
N PHE A 338 -11.70 -1.69 -7.98
CA PHE A 338 -12.57 -1.06 -8.97
C PHE A 338 -13.99 -0.89 -8.44
N VAL A 339 -14.50 -1.89 -7.73
CA VAL A 339 -15.86 -1.79 -7.18
C VAL A 339 -15.92 -0.76 -6.06
N SER A 340 -14.93 -0.76 -5.16
CA SER A 340 -14.92 0.23 -4.09
C SER A 340 -14.83 1.64 -4.62
N GLY A 341 -14.14 1.85 -5.73
CA GLY A 341 -14.15 3.15 -6.37
C GLY A 341 -15.53 3.62 -6.75
N PHE A 342 -16.37 2.69 -7.23
CA PHE A 342 -17.74 3.05 -7.59
C PHE A 342 -18.50 3.59 -6.39
N ALA A 343 -18.41 2.91 -5.25
CA ALA A 343 -19.10 3.38 -4.05
C ALA A 343 -18.56 4.73 -3.60
N ILE A 344 -17.23 4.87 -3.54
CA ILE A 344 -16.64 6.11 -3.07
C ILE A 344 -17.08 7.28 -3.94
N PHE A 345 -17.01 7.11 -5.26
CA PHE A 345 -17.32 8.23 -6.15
C PHE A 345 -18.81 8.47 -6.29
N SER A 346 -19.67 7.45 -6.11
CA SER A 346 -21.10 7.73 -6.03
C SER A 346 -21.44 8.53 -4.79
N ILE A 347 -20.81 8.21 -3.66
CA ILE A 347 -21.00 9.01 -2.44
C ILE A 347 -20.51 10.44 -2.67
N LEU A 348 -19.37 10.59 -3.34
CA LEU A 348 -18.86 11.93 -3.65
C LEU A 348 -19.81 12.69 -4.57
N GLY A 349 -20.40 12.01 -5.56
CA GLY A 349 -21.37 12.66 -6.42
C GLY A 349 -22.61 13.10 -5.66
N PHE A 350 -23.07 12.28 -4.71
CA PHE A 350 -24.19 12.70 -3.87
C PHE A 350 -23.81 13.92 -3.03
N MET A 351 -22.60 13.93 -2.48
CA MET A 351 -22.14 15.09 -1.72
C MET A 351 -22.11 16.34 -2.59
N ALA A 352 -21.62 16.20 -3.82
CA ALA A 352 -21.60 17.34 -4.75
C ALA A 352 -23.01 17.82 -5.05
N GLN A 353 -23.95 16.90 -5.24
CA GLN A 353 -25.33 17.31 -5.50
C GLN A 353 -25.94 18.04 -4.32
N GLU A 354 -25.72 17.54 -3.10
CA GLU A 354 -26.37 18.13 -1.94
C GLU A 354 -25.71 19.44 -1.51
N GLN A 355 -24.40 19.59 -1.72
CA GLN A 355 -23.69 20.78 -1.28
C GLN A 355 -23.63 21.87 -2.34
N GLY A 356 -24.09 21.60 -3.55
CA GLY A 356 -24.02 22.60 -4.60
C GLY A 356 -22.61 23.01 -4.98
N VAL A 357 -21.70 22.05 -5.05
CA VAL A 357 -20.30 22.32 -5.38
C VAL A 357 -19.83 21.26 -6.36
N ASP A 358 -18.71 21.54 -7.02
CA ASP A 358 -18.15 20.61 -7.99
C ASP A 358 -17.68 19.33 -7.29
N ILE A 359 -17.71 18.23 -8.05
CA ILE A 359 -17.30 16.94 -7.50
C ILE A 359 -15.83 16.96 -7.11
N ALA A 360 -15.02 17.82 -7.74
CA ALA A 360 -13.60 17.90 -7.45
C ALA A 360 -13.30 18.74 -6.21
N ASP A 361 -14.30 19.37 -5.60
CA ASP A 361 -14.08 20.21 -4.43
C ASP A 361 -14.85 19.72 -3.20
N VAL A 362 -15.46 18.54 -3.26
CA VAL A 362 -16.33 18.11 -2.17
C VAL A 362 -15.53 17.76 -0.92
N ALA A 363 -14.39 17.09 -1.08
CA ALA A 363 -13.69 16.51 0.05
C ALA A 363 -12.20 16.77 -0.10
N GLU A 364 -11.42 16.13 0.77
CA GLU A 364 -9.98 16.31 0.80
C GLU A 364 -9.31 15.43 -0.25
N SER A 365 -8.43 16.03 -1.05
CA SER A 365 -7.68 15.28 -2.04
C SER A 365 -6.60 14.40 -1.41
N GLY A 366 -6.26 14.64 -0.15
CA GLY A 366 -5.23 13.89 0.53
C GLY A 366 -5.76 12.59 1.12
N PRO A 367 -5.04 12.06 2.10
CA PRO A 367 -5.36 10.75 2.69
C PRO A 367 -6.53 10.78 3.67
N GLY A 368 -7.60 11.47 3.30
CA GLY A 368 -8.74 11.59 4.18
C GLY A 368 -10.06 11.42 3.46
N LEU A 369 -10.00 11.04 2.18
CA LEU A 369 -11.22 10.84 1.41
C LEU A 369 -12.07 9.71 2.00
N ALA A 370 -11.43 8.62 2.42
CA ALA A 370 -12.17 7.50 2.98
C ALA A 370 -12.82 7.87 4.31
N PHE A 371 -12.24 8.82 5.04
CA PHE A 371 -12.78 9.26 6.32
C PHE A 371 -13.71 10.46 6.19
N ILE A 372 -13.99 10.91 4.96
CA ILE A 372 -14.94 11.98 4.71
C ILE A 372 -16.14 11.48 3.90
N ALA A 373 -15.89 10.64 2.89
CA ALA A 373 -16.99 10.16 2.06
C ALA A 373 -17.79 9.08 2.77
N TYR A 374 -17.12 8.04 3.24
CA TYR A 374 -17.82 6.93 3.89
C TYR A 374 -18.57 7.34 5.16
N PRO A 375 -17.99 8.11 6.08
CA PRO A 375 -18.80 8.59 7.22
C PRO A 375 -20.00 9.42 6.81
N LYS A 376 -19.91 10.15 5.69
CA LYS A 376 -21.07 10.88 5.19
C LYS A 376 -22.17 9.92 4.76
N ALA A 377 -21.83 8.88 4.01
CA ALA A 377 -22.83 7.94 3.53
C ALA A 377 -23.37 7.06 4.66
N VAL A 378 -22.62 6.90 5.74
CA VAL A 378 -23.11 6.11 6.87
C VAL A 378 -24.37 6.74 7.45
N THR A 379 -24.37 8.06 7.62
CA THR A 379 -25.51 8.74 8.22
C THR A 379 -26.77 8.60 7.37
N MET A 380 -26.64 8.35 6.07
CA MET A 380 -27.82 8.14 5.24
C MET A 380 -28.49 6.81 5.53
N MET A 381 -27.71 5.79 5.86
CA MET A 381 -28.28 4.49 6.19
C MET A 381 -29.05 4.58 7.51
N PRO A 382 -30.18 3.88 7.64
CA PRO A 382 -30.95 3.95 8.89
C PRO A 382 -30.16 3.39 10.06
N LEU A 383 -30.35 4.00 11.23
CA LEU A 383 -29.60 3.67 12.43
C LEU A 383 -28.10 3.79 12.11
N PRO A 384 -27.61 5.01 11.90
CA PRO A 384 -26.24 5.17 11.39
C PRO A 384 -25.16 4.70 12.35
N THR A 385 -25.44 4.62 13.65
CA THR A 385 -24.43 4.16 14.60
C THR A 385 -23.99 2.74 14.31
N PHE A 386 -24.96 1.85 14.06
CA PHE A 386 -24.65 0.45 13.78
C PHE A 386 -23.80 0.32 12.52
N TRP A 387 -24.15 1.05 11.46
CA TRP A 387 -23.39 0.94 10.21
C TRP A 387 -22.02 1.59 10.32
N SER A 388 -21.90 2.67 11.09
CA SER A 388 -20.58 3.25 11.32
C SER A 388 -19.68 2.27 12.06
N ILE A 389 -20.22 1.62 13.10
CA ILE A 389 -19.43 0.63 13.82
C ILE A 389 -19.02 -0.50 12.89
N LEU A 390 -19.96 -0.99 12.07
CA LEU A 390 -19.63 -2.07 11.15
C LEU A 390 -18.56 -1.66 10.14
N PHE A 391 -18.68 -0.46 9.57
CA PHE A 391 -17.72 -0.02 8.57
C PHE A 391 -16.33 0.13 9.16
N PHE A 392 -16.24 0.71 10.36
CA PHE A 392 -14.92 0.89 10.93
C PHE A 392 -14.34 -0.43 11.44
N ILE A 393 -15.18 -1.37 11.84
CA ILE A 393 -14.69 -2.72 12.14
C ILE A 393 -14.14 -3.37 10.89
N MET A 394 -14.82 -3.20 9.75
CA MET A 394 -14.33 -3.73 8.49
C MET A 394 -12.98 -3.13 8.12
N LEU A 395 -12.86 -1.81 8.27
CA LEU A 395 -11.60 -1.14 7.97
C LEU A 395 -10.48 -1.65 8.88
N LEU A 396 -10.79 -1.83 10.17
CA LEU A 396 -9.84 -2.38 11.11
C LEU A 396 -9.40 -3.78 10.68
N LEU A 397 -10.35 -4.62 10.27
CA LEU A 397 -10.02 -5.98 9.87
C LEU A 397 -9.09 -6.00 8.67
N LEU A 398 -9.41 -5.20 7.65
CA LEU A 398 -8.58 -5.16 6.45
C LEU A 398 -7.17 -4.67 6.78
N GLY A 399 -7.08 -3.55 7.50
CA GLY A 399 -5.78 -3.02 7.84
C GLY A 399 -4.96 -3.95 8.72
N LEU A 400 -5.62 -4.61 9.66
CA LEU A 400 -4.93 -5.53 10.55
C LEU A 400 -4.41 -6.74 9.81
N ASP A 401 -5.21 -7.29 8.88
CA ASP A 401 -4.73 -8.41 8.08
C ASP A 401 -3.52 -8.02 7.25
N SER A 402 -3.60 -6.86 6.59
CA SER A 402 -2.47 -6.41 5.78
C SER A 402 -1.23 -6.19 6.64
N GLN A 403 -1.41 -5.56 7.80
CA GLN A 403 -0.27 -5.30 8.69
C GLN A 403 0.33 -6.59 9.21
N PHE A 404 -0.51 -7.56 9.57
CA PHE A 404 0.00 -8.85 10.03
C PHE A 404 0.86 -9.49 8.96
N VAL A 405 0.36 -9.53 7.73
CA VAL A 405 1.11 -10.18 6.65
C VAL A 405 2.43 -9.45 6.39
N GLU A 406 2.39 -8.12 6.32
CA GLU A 406 3.60 -7.36 6.02
C GLU A 406 4.64 -7.48 7.14
N VAL A 407 4.21 -7.39 8.40
CA VAL A 407 5.13 -7.47 9.51
C VAL A 407 5.72 -8.87 9.60
N GLU A 408 4.89 -9.89 9.38
CA GLU A 408 5.40 -11.26 9.40
C GLU A 408 6.42 -11.48 8.29
N GLY A 409 6.16 -10.93 7.10
CA GLY A 409 7.13 -11.03 6.03
C GLY A 409 8.45 -10.35 6.35
N GLN A 410 8.37 -9.15 6.93
CA GLN A 410 9.59 -8.45 7.33
C GLN A 410 10.38 -9.23 8.36
N ILE A 411 9.68 -9.77 9.37
CA ILE A 411 10.35 -10.50 10.44
C ILE A 411 10.99 -11.78 9.90
N THR A 412 10.28 -12.49 9.02
CA THR A 412 10.84 -13.73 8.51
C THR A 412 12.01 -13.47 7.57
N SER A 413 11.98 -12.38 6.81
CA SER A 413 13.15 -12.01 6.01
C SER A 413 14.33 -11.68 6.91
N LEU A 414 14.09 -10.91 7.98
CA LEU A 414 15.17 -10.55 8.88
C LEU A 414 15.78 -11.78 9.55
N VAL A 415 14.95 -12.72 9.99
CA VAL A 415 15.48 -13.91 10.65
C VAL A 415 16.18 -14.82 9.64
N ASP A 416 15.71 -14.80 8.39
CA ASP A 416 16.45 -15.51 7.33
C ASP A 416 17.83 -14.91 7.14
N LEU A 417 17.94 -13.59 7.32
CA LEU A 417 19.23 -12.93 7.17
C LEU A 417 20.24 -13.43 8.21
N TYR A 418 19.80 -13.61 9.46
CA TYR A 418 20.66 -14.13 10.52
C TYR A 418 19.93 -15.26 11.24
N PRO A 419 19.88 -16.45 10.65
CA PRO A 419 19.08 -17.54 11.24
C PRO A 419 19.59 -18.04 12.58
N SER A 420 20.86 -17.79 12.92
CA SER A 420 21.42 -18.38 14.13
C SER A 420 20.84 -17.74 15.38
N PHE A 421 20.64 -16.43 15.36
CA PHE A 421 20.23 -15.70 16.56
C PHE A 421 18.82 -15.13 16.46
N LEU A 422 18.48 -14.50 15.34
CA LEU A 422 17.18 -13.82 15.25
C LEU A 422 16.01 -14.81 15.25
N ARG A 423 16.26 -16.10 15.02
CA ARG A 423 15.20 -17.08 15.07
C ARG A 423 15.58 -18.30 15.91
N LYS A 424 16.37 -18.10 16.98
CA LYS A 424 16.81 -19.22 17.80
C LYS A 424 15.64 -19.89 18.50
N GLY A 425 14.63 -19.11 18.89
CA GLY A 425 13.47 -19.64 19.58
C GLY A 425 13.09 -18.80 20.77
N TYR A 426 14.09 -18.19 21.41
CA TYR A 426 13.87 -17.27 22.51
C TYR A 426 13.99 -15.82 22.09
N ARG A 427 14.89 -15.50 21.16
CA ARG A 427 15.13 -14.13 20.74
C ARG A 427 14.19 -13.66 19.65
N ARG A 428 13.40 -14.55 19.05
CA ARG A 428 12.47 -14.11 18.02
C ARG A 428 11.39 -13.19 18.61
N GLU A 429 10.85 -13.54 19.78
CA GLU A 429 9.84 -12.68 20.40
C GLU A 429 10.44 -11.34 20.80
N ILE A 430 11.67 -11.34 21.32
CA ILE A 430 12.33 -10.09 21.68
C ILE A 430 12.55 -9.22 20.45
N PHE A 431 12.97 -9.84 19.35
CA PHE A 431 13.19 -9.08 18.11
C PHE A 431 11.89 -8.50 17.58
N ILE A 432 10.80 -9.28 17.63
CA ILE A 432 9.51 -8.78 17.17
C ILE A 432 9.05 -7.62 18.03
N ALA A 433 9.21 -7.74 19.36
CA ALA A 433 8.82 -6.64 20.25
C ALA A 433 9.67 -5.39 19.99
N PHE A 434 10.96 -5.57 19.77
CA PHE A 434 11.83 -4.44 19.47
C PHE A 434 11.41 -3.75 18.17
N VAL A 435 11.12 -4.54 17.13
CA VAL A 435 10.69 -3.96 15.86
C VAL A 435 9.38 -3.20 16.03
N CYS A 436 8.43 -3.78 16.76
CA CYS A 436 7.15 -3.09 16.98
C CYS A 436 7.33 -1.81 17.76
N SER A 437 8.17 -1.82 18.79
CA SER A 437 8.39 -0.62 19.59
C SER A 437 9.07 0.47 18.77
N ILE A 438 10.07 0.10 17.97
CA ILE A 438 10.74 1.08 17.12
C ILE A 438 9.76 1.68 16.12
N SER A 439 8.91 0.83 15.51
CA SER A 439 7.95 1.34 14.55
C SER A 439 6.93 2.26 15.20
N TYR A 440 6.48 1.93 16.42
CA TYR A 440 5.54 2.82 17.12
C TYR A 440 6.18 4.16 17.46
N LEU A 441 7.43 4.13 17.94
CA LEU A 441 8.11 5.39 18.25
C LEU A 441 8.31 6.23 17.00
N LEU A 442 8.68 5.59 15.89
CA LEU A 442 8.80 6.31 14.62
C LEU A 442 7.48 6.89 14.15
N GLY A 443 6.38 6.14 14.25
CA GLY A 443 5.09 6.61 13.82
C GLY A 443 4.42 7.60 14.74
N LEU A 444 4.95 7.77 15.96
CA LEU A 444 4.44 8.83 16.82
C LEU A 444 4.63 10.22 16.23
N THR A 445 5.53 10.39 15.26
CA THR A 445 5.74 11.69 14.63
C THR A 445 4.59 12.11 13.73
N MET A 446 3.71 11.19 13.36
CA MET A 446 2.53 11.51 12.57
C MET A 446 1.27 11.64 13.42
N VAL A 447 1.33 11.29 14.70
CA VAL A 447 0.19 11.41 15.59
C VAL A 447 0.00 12.84 16.05
N THR A 448 1.07 13.64 16.06
CA THR A 448 0.98 15.01 16.53
C THR A 448 0.05 15.83 15.64
N GLU A 449 -0.20 17.07 16.07
CA GLU A 449 -1.18 17.91 15.38
C GLU A 449 -0.77 18.16 13.93
N GLY A 450 0.51 18.43 13.69
CA GLY A 450 1.00 18.59 12.35
C GLY A 450 1.48 17.31 11.71
N GLY A 451 1.08 16.16 12.25
CA GLY A 451 1.62 14.90 11.77
C GLY A 451 1.00 14.42 10.47
N MET A 452 -0.11 15.03 10.05
CA MET A 452 -0.72 14.64 8.79
C MET A 452 0.20 14.95 7.62
N TYR A 453 0.93 16.05 7.67
CA TYR A 453 1.88 16.38 6.62
C TYR A 453 3.02 15.37 6.57
N VAL A 454 3.50 14.93 7.73
CA VAL A 454 4.52 13.89 7.77
C VAL A 454 3.97 12.58 7.21
N PHE A 455 2.72 12.26 7.53
CA PHE A 455 2.10 11.06 6.99
C PHE A 455 1.99 11.15 5.46
N GLN A 456 1.64 12.32 4.94
CA GLN A 456 1.56 12.51 3.50
C GLN A 456 2.93 12.35 2.85
N LEU A 457 3.98 12.91 3.48
CA LEU A 457 5.34 12.73 2.96
C LEU A 457 5.72 11.25 2.93
N PHE A 458 5.44 10.53 4.01
CA PHE A 458 5.73 9.11 4.05
C PHE A 458 4.97 8.35 2.99
N ASP A 459 3.68 8.67 2.82
CA ASP A 459 2.87 7.97 1.83
C ASP A 459 3.36 8.22 0.42
N TYR A 460 3.74 9.47 0.12
CA TYR A 460 4.14 9.81 -1.25
C TYR A 460 5.52 9.27 -1.58
N TYR A 461 6.46 9.33 -0.63
CA TYR A 461 7.84 8.98 -0.92
C TYR A 461 8.24 7.60 -0.40
N ALA A 462 7.89 7.26 0.84
CA ALA A 462 8.24 5.96 1.39
C ALA A 462 7.21 4.92 0.97
N ALA A 463 7.70 3.74 0.55
CA ALA A 463 6.85 2.62 0.15
C ALA A 463 5.90 3.00 -1.00
N SER A 464 6.32 3.96 -1.82
CA SER A 464 5.57 4.40 -2.98
C SER A 464 6.48 5.26 -3.83
N GLY A 465 5.98 5.69 -4.97
CA GLY A 465 6.76 6.57 -5.82
C GLY A 465 7.92 5.84 -6.47
N VAL A 466 8.93 6.61 -6.86
CA VAL A 466 10.07 6.04 -7.59
C VAL A 466 10.77 4.95 -6.81
N CYS A 467 10.67 4.97 -5.47
CA CYS A 467 11.30 3.93 -4.67
C CYS A 467 10.79 2.54 -5.05
N LEU A 468 9.52 2.44 -5.43
CA LEU A 468 9.03 1.18 -5.99
C LEU A 468 9.50 1.01 -7.43
N LEU A 469 9.42 2.08 -8.23
CA LEU A 469 9.83 1.99 -9.63
C LEU A 469 11.30 1.64 -9.75
N TRP A 470 12.10 2.06 -8.77
CA TRP A 470 13.51 1.68 -8.75
C TRP A 470 13.66 0.18 -8.54
N VAL A 471 12.86 -0.41 -7.64
CA VAL A 471 13.03 -1.82 -7.31
C VAL A 471 12.40 -2.71 -8.39
N ALA A 472 11.19 -2.37 -8.81
CA ALA A 472 10.49 -3.20 -9.79
C ALA A 472 11.31 -3.37 -11.07
N PHE A 473 12.07 -2.33 -11.44
CA PHE A 473 12.99 -2.47 -12.56
C PHE A 473 14.04 -3.53 -12.28
N PHE A 474 14.75 -3.39 -11.14
CA PHE A 474 15.88 -4.27 -10.87
C PHE A 474 15.45 -5.69 -10.57
N GLU A 475 14.24 -5.88 -10.05
CA GLU A 475 13.71 -7.24 -9.93
C GLU A 475 13.53 -7.87 -11.30
N CYS A 476 13.09 -7.09 -12.28
CA CYS A 476 12.83 -7.65 -13.61
C CYS A 476 14.10 -7.76 -14.43
N PHE A 477 14.90 -6.69 -14.46
CA PHE A 477 16.11 -6.68 -15.28
C PHE A 477 17.05 -7.82 -14.89
N VAL A 478 17.17 -8.10 -13.60
CA VAL A 478 17.98 -9.24 -13.16
C VAL A 478 17.36 -10.54 -13.64
N ILE A 479 16.05 -10.68 -13.51
CA ILE A 479 15.39 -11.94 -13.87
C ILE A 479 15.33 -12.10 -15.39
N ALA A 480 14.90 -11.05 -16.09
CA ALA A 480 14.60 -11.17 -17.50
C ALA A 480 15.87 -11.25 -18.35
N TRP A 481 16.89 -10.46 -18.03
CA TRP A 481 18.07 -10.35 -18.87
C TRP A 481 19.32 -10.99 -18.28
N ILE A 482 19.54 -10.87 -16.97
CA ILE A 482 20.72 -11.48 -16.36
C ILE A 482 20.49 -12.95 -16.09
N TYR A 483 19.50 -13.26 -15.24
CA TYR A 483 19.22 -14.66 -14.89
C TYR A 483 18.69 -15.43 -16.10
N GLY A 484 17.83 -14.81 -16.89
CA GLY A 484 17.30 -15.45 -18.08
C GLY A 484 15.82 -15.75 -17.99
N GLY A 485 15.05 -15.23 -18.94
CA GLY A 485 13.62 -15.49 -18.95
C GLY A 485 13.31 -16.96 -19.23
N ASP A 486 13.99 -17.54 -20.21
CA ASP A 486 13.76 -18.95 -20.52
C ASP A 486 14.24 -19.86 -19.40
N ASN A 487 15.34 -19.50 -18.73
CA ASN A 487 15.81 -20.31 -17.61
C ASN A 487 14.81 -20.33 -16.47
N LEU A 488 14.17 -19.19 -16.17
CA LEU A 488 13.12 -19.18 -15.15
C LEU A 488 11.86 -19.86 -15.65
N TYR A 489 11.56 -19.77 -16.95
CA TYR A 489 10.40 -20.47 -17.48
C TYR A 489 10.57 -21.98 -17.39
N ASP A 490 11.78 -22.48 -17.54
CA ASP A 490 12.02 -23.91 -17.33
C ASP A 490 11.73 -24.31 -15.88
N GLY A 491 12.15 -23.48 -14.92
CA GLY A 491 11.84 -23.77 -13.53
C GLY A 491 10.35 -23.70 -13.24
N ILE A 492 9.66 -22.74 -13.86
CA ILE A 492 8.22 -22.63 -13.66
C ILE A 492 7.49 -23.81 -14.29
N GLU A 493 7.98 -24.29 -15.43
CA GLU A 493 7.42 -25.51 -16.02
C GLU A 493 7.64 -26.71 -15.11
N ASP A 494 8.82 -26.79 -14.49
CA ASP A 494 9.08 -27.88 -13.57
C ASP A 494 8.20 -27.79 -12.33
N MET A 495 7.87 -26.57 -11.89
CA MET A 495 7.08 -26.39 -10.68
C MET A 495 5.60 -26.57 -10.93
N ILE A 496 5.01 -25.70 -11.76
CA ILE A 496 3.56 -25.74 -11.97
C ILE A 496 3.15 -26.81 -12.98
N GLY A 497 4.10 -27.47 -13.63
CA GLY A 497 3.83 -28.63 -14.43
C GLY A 497 3.59 -28.36 -15.91
N TYR A 498 3.26 -27.14 -16.27
CA TYR A 498 3.03 -26.80 -17.67
C TYR A 498 3.77 -25.52 -18.02
N ARG A 499 4.20 -25.43 -19.27
CA ARG A 499 4.94 -24.27 -19.74
C ARG A 499 4.01 -23.08 -19.87
N PRO A 500 4.25 -21.98 -19.18
CA PRO A 500 3.36 -20.82 -19.25
C PRO A 500 3.47 -20.12 -20.60
N GLY A 501 2.51 -19.24 -20.85
CA GLY A 501 2.52 -18.43 -22.04
C GLY A 501 3.57 -17.33 -21.96
N PRO A 502 3.83 -16.70 -23.10
CA PRO A 502 4.88 -15.68 -23.18
C PRO A 502 4.51 -14.35 -22.54
N TRP A 503 3.34 -14.24 -21.89
CA TRP A 503 2.95 -12.97 -21.29
C TRP A 503 3.92 -12.56 -20.19
N MET A 504 4.19 -13.46 -19.25
CA MET A 504 5.12 -13.14 -18.17
C MET A 504 6.50 -12.80 -18.71
N LYS A 505 6.99 -13.59 -19.68
CA LYS A 505 8.33 -13.39 -20.21
C LYS A 505 8.45 -12.04 -20.90
N TYR A 506 7.49 -11.69 -21.75
CA TYR A 506 7.55 -10.42 -22.46
C TYR A 506 7.12 -9.24 -21.61
N SER A 507 6.56 -9.46 -20.42
CA SER A 507 6.32 -8.36 -19.51
C SER A 507 7.55 -8.09 -18.63
N TRP A 508 8.23 -9.15 -18.19
CA TRP A 508 9.48 -8.96 -17.47
C TRP A 508 10.56 -8.39 -18.38
N ALA A 509 10.65 -8.89 -19.62
CA ALA A 509 11.76 -8.52 -20.49
C ALA A 509 11.65 -7.10 -20.99
N VAL A 510 10.44 -6.68 -21.39
CA VAL A 510 10.29 -5.41 -22.10
C VAL A 510 9.36 -4.47 -21.34
N ILE A 511 8.11 -4.87 -21.13
CA ILE A 511 7.06 -3.93 -20.75
C ILE A 511 7.36 -3.31 -19.40
N THR A 512 7.66 -4.12 -18.39
CA THR A 512 7.85 -3.58 -17.05
C THR A 512 9.06 -2.67 -16.92
N PRO A 513 10.27 -3.05 -17.37
CA PRO A 513 11.38 -2.10 -17.29
C PRO A 513 11.15 -0.83 -18.08
N VAL A 514 10.52 -0.94 -19.25
CA VAL A 514 10.24 0.26 -20.06
C VAL A 514 9.28 1.18 -19.33
N LEU A 515 8.21 0.61 -18.75
CA LEU A 515 7.27 1.43 -17.99
C LEU A 515 7.95 2.10 -16.81
N CYS A 516 8.76 1.35 -16.06
CA CYS A 516 9.41 1.91 -14.88
C CYS A 516 10.36 3.04 -15.27
N VAL A 517 11.22 2.82 -16.26
CA VAL A 517 12.18 3.86 -16.65
C VAL A 517 11.48 5.05 -17.28
N GLY A 518 10.43 4.84 -18.08
CA GLY A 518 9.72 5.96 -18.65
C GLY A 518 9.04 6.81 -17.60
N CYS A 519 8.37 6.16 -16.64
CA CYS A 519 7.73 6.91 -15.55
C CYS A 519 8.76 7.66 -14.72
N PHE A 520 9.89 7.03 -14.38
CA PHE A 520 10.92 7.71 -13.61
C PHE A 520 11.45 8.92 -14.36
N ILE A 521 11.81 8.75 -15.63
CA ILE A 521 12.40 9.84 -16.39
C ILE A 521 11.40 10.97 -16.59
N PHE A 522 10.14 10.64 -16.91
CA PHE A 522 9.16 11.70 -17.16
C PHE A 522 8.71 12.37 -15.87
N SER A 523 8.83 11.69 -14.72
CA SER A 523 8.56 12.36 -13.46
C SER A 523 9.70 13.29 -13.09
N LEU A 524 10.94 12.90 -13.39
CA LEU A 524 12.06 13.78 -13.08
C LEU A 524 12.13 14.98 -14.02
N VAL A 525 11.83 14.79 -15.30
CA VAL A 525 11.95 15.89 -16.26
C VAL A 525 10.94 16.98 -15.96
N LYS A 526 9.67 16.61 -15.79
CA LYS A 526 8.61 17.54 -15.43
C LYS A 526 8.28 17.31 -13.95
N TYR A 527 9.03 17.98 -13.09
CA TYR A 527 8.93 17.76 -11.65
C TYR A 527 7.94 18.72 -11.03
N VAL A 528 6.98 18.17 -10.29
CA VAL A 528 5.99 18.98 -9.57
C VAL A 528 6.15 18.74 -8.08
N PRO A 529 6.40 19.78 -7.28
CA PRO A 529 6.59 19.58 -5.84
C PRO A 529 5.35 18.99 -5.18
N LEU A 530 5.58 18.14 -4.19
CA LEU A 530 4.48 17.54 -3.45
C LEU A 530 3.71 18.59 -2.67
N THR A 531 2.39 18.53 -2.73
CA THR A 531 1.51 19.42 -1.99
C THR A 531 0.46 18.61 -1.26
N TYR A 532 -0.02 19.15 -0.14
CA TYR A 532 -1.08 18.52 0.64
C TYR A 532 -2.39 19.25 0.37
N ASN A 533 -3.40 18.51 -0.09
CA ASN A 533 -4.72 19.06 -0.39
C ASN A 533 -4.62 20.21 -1.38
N LYS A 534 -3.69 20.09 -2.33
CA LYS A 534 -3.47 21.03 -3.44
C LYS A 534 -3.42 22.49 -2.97
N THR A 535 -3.09 22.72 -1.71
CA THR A 535 -2.95 24.09 -1.21
C THR A 535 -1.67 24.29 -0.43
N TYR A 536 -1.23 23.31 0.35
CA TYR A 536 -0.06 23.47 1.20
C TYR A 536 1.22 23.23 0.40
N VAL A 537 2.16 24.15 0.52
CA VAL A 537 3.44 24.07 -0.17
C VAL A 537 4.49 23.65 0.84
N TYR A 538 5.03 22.44 0.68
CA TYR A 538 6.01 21.94 1.63
C TYR A 538 7.29 22.76 1.56
N PRO A 539 7.97 22.96 2.67
CA PRO A 539 9.26 23.66 2.64
C PRO A 539 10.31 22.79 1.94
N ASN A 540 11.46 23.41 1.66
CA ASN A 540 12.52 22.69 0.98
C ASN A 540 13.01 21.51 1.81
N TRP A 541 13.14 21.70 3.13
CA TRP A 541 13.65 20.62 3.96
C TRP A 541 12.69 19.45 4.03
N ALA A 542 11.38 19.70 3.95
CA ALA A 542 10.43 18.59 3.94
C ALA A 542 10.58 17.74 2.68
N ILE A 543 10.72 18.38 1.53
CA ILE A 543 10.94 17.63 0.29
C ILE A 543 12.27 16.91 0.32
N GLY A 544 13.29 17.53 0.93
CA GLY A 544 14.55 16.84 1.10
C GLY A 544 14.43 15.61 1.99
N LEU A 545 13.64 15.71 3.05
CA LEU A 545 13.40 14.56 3.91
C LEU A 545 12.66 13.46 3.17
N GLY A 546 11.68 13.82 2.34
CA GLY A 546 11.00 12.81 1.54
C GLY A 546 11.93 12.12 0.57
N TRP A 547 12.80 12.89 -0.09
CA TRP A 547 13.79 12.30 -0.98
C TRP A 547 14.78 11.41 -0.22
N SER A 548 15.13 11.80 1.01
CA SER A 548 15.98 10.93 1.82
C SER A 548 15.27 9.63 2.17
N LEU A 549 13.96 9.70 2.44
CA LEU A 549 13.20 8.49 2.69
C LEU A 549 13.20 7.57 1.47
N ALA A 550 13.02 8.15 0.29
CA ALA A 550 13.06 7.34 -0.93
C ALA A 550 14.45 6.75 -1.16
N LEU A 551 15.49 7.56 -0.97
CA LEU A 551 16.86 7.11 -1.19
C LEU A 551 17.31 6.07 -0.19
N SER A 552 16.76 6.05 1.03
CA SER A 552 17.16 5.05 2.01
C SER A 552 16.96 3.65 1.47
N SER A 553 15.94 3.45 0.63
CA SER A 553 15.72 2.17 -0.01
C SER A 553 16.27 2.13 -1.43
N MET A 554 16.32 3.26 -2.13
CA MET A 554 16.85 3.26 -3.49
C MET A 554 18.35 2.98 -3.51
N LEU A 555 19.08 3.35 -2.45
CA LEU A 555 20.53 3.25 -2.45
C LEU A 555 21.05 1.93 -1.91
N CYS A 556 20.16 1.02 -1.48
CA CYS A 556 20.62 -0.28 -1.03
C CYS A 556 21.13 -1.14 -2.18
N VAL A 557 20.55 -0.96 -3.38
CA VAL A 557 20.98 -1.77 -4.52
C VAL A 557 22.44 -1.51 -4.91
N PRO A 558 22.91 -0.27 -5.06
CA PRO A 558 24.31 -0.08 -5.45
C PRO A 558 25.31 -0.26 -4.31
N LEU A 559 24.93 0.04 -3.07
CA LEU A 559 25.84 -0.18 -1.95
C LEU A 559 26.19 -1.65 -1.81
N VAL A 560 25.20 -2.53 -1.95
CA VAL A 560 25.46 -3.96 -1.83
C VAL A 560 26.31 -4.45 -3.00
N ILE A 561 26.08 -3.91 -4.19
CA ILE A 561 26.93 -4.27 -5.33
C ILE A 561 28.37 -3.89 -5.06
N VAL A 562 28.59 -2.68 -4.54
CA VAL A 562 29.95 -2.25 -4.22
C VAL A 562 30.56 -3.14 -3.16
N ILE A 563 29.79 -3.47 -2.13
CA ILE A 563 30.31 -4.32 -1.05
C ILE A 563 30.69 -5.70 -1.58
N ARG A 564 29.84 -6.28 -2.44
CA ARG A 564 30.16 -7.58 -3.01
C ARG A 564 31.40 -7.51 -3.89
N LEU A 565 31.52 -6.47 -4.70
CA LEU A 565 32.71 -6.32 -5.54
C LEU A 565 33.97 -6.13 -4.71
N CYS A 566 33.85 -5.53 -3.53
CA CYS A 566 35.03 -5.33 -2.68
C CYS A 566 35.40 -6.57 -1.89
N GLN A 567 34.40 -7.36 -1.46
CA GLN A 567 34.69 -8.56 -0.66
C GLN A 567 35.31 -9.66 -1.51
N THR A 568 34.75 -9.91 -2.69
CA THR A 568 35.27 -10.95 -3.56
C THR A 568 36.66 -10.59 -4.07
N GLU A 569 37.57 -11.57 -4.04
CA GLU A 569 38.96 -11.37 -4.39
C GLU A 569 39.21 -11.74 -5.85
N GLY A 570 40.27 -11.16 -6.41
CA GLY A 570 40.65 -11.42 -7.78
C GLY A 570 40.47 -10.20 -8.65
N PRO A 571 40.77 -10.33 -9.94
CA PRO A 571 40.55 -9.19 -10.86
C PRO A 571 39.07 -8.91 -11.02
N PHE A 572 38.77 -7.73 -11.57
CA PHE A 572 37.39 -7.26 -11.62
C PHE A 572 36.49 -8.19 -12.43
N LEU A 573 36.96 -8.66 -13.58
CA LEU A 573 36.13 -9.52 -14.43
C LEU A 573 35.77 -10.81 -13.71
N VAL A 574 36.75 -11.42 -13.02
CA VAL A 574 36.48 -12.65 -12.29
C VAL A 574 35.48 -12.40 -11.17
N ARG A 575 35.63 -11.28 -10.46
CA ARG A 575 34.68 -10.96 -9.40
C ARG A 575 33.27 -10.82 -9.94
N VAL A 576 33.11 -10.07 -11.02
CA VAL A 576 31.78 -9.84 -11.58
C VAL A 576 31.17 -11.14 -12.08
N LYS A 577 31.98 -11.95 -12.77
CA LYS A 577 31.49 -13.22 -13.30
C LYS A 577 31.05 -14.15 -12.18
N TYR A 578 31.84 -14.23 -11.10
CA TYR A 578 31.50 -15.10 -9.99
C TYR A 578 30.31 -14.59 -9.21
N LEU A 579 30.10 -13.27 -9.16
CA LEU A 579 28.98 -12.70 -8.43
C LEU A 579 27.69 -12.68 -9.23
N LEU A 580 27.74 -12.95 -10.54
CA LEU A 580 26.54 -13.04 -11.35
C LEU A 580 26.03 -14.48 -11.49
N THR A 581 26.78 -15.45 -10.96
CA THR A 581 26.40 -16.85 -11.11
C THR A 581 25.47 -17.27 -9.99
N PRO A 582 24.26 -17.74 -10.28
CA PRO A 582 23.40 -18.26 -9.22
C PRO A 582 24.02 -19.44 -8.52
N ARG A 583 24.12 -19.39 -7.20
CA ARG A 583 24.72 -20.48 -6.44
C ARG A 583 23.94 -21.78 -6.66
N GLU A 584 22.71 -21.84 -6.14
CA GLU A 584 21.79 -22.87 -6.51
C GLU A 584 20.41 -22.28 -6.78
N PRO A 585 19.92 -22.43 -8.02
CA PRO A 585 18.60 -21.91 -8.34
C PRO A 585 17.48 -22.55 -7.54
N ASN A 586 17.59 -23.85 -7.24
CA ASN A 586 16.58 -24.57 -6.51
C ASN A 586 17.23 -25.40 -5.41
N ARG A 587 16.52 -25.55 -4.29
CA ARG A 587 17.02 -26.34 -3.17
C ARG A 587 16.95 -27.83 -3.47
#